data_4X2K
#
_entry.id   4X2K
#
_cell.length_a   42.310
_cell.length_b   77.510
_cell.length_c   90.200
_cell.angle_alpha   90.00
_cell.angle_beta   90.00
_cell.angle_gamma   90.00
#
_symmetry.space_group_name_H-M   'P 21 21 21'
#
loop_
_entity.id
_entity.type
_entity.pdbx_description
1 polymer 'TGF-beta receptor type-1'
2 non-polymer 4-[(3-aminophenyl)amino]pyrido[2,3-d]pyrimidin-5(6H)-one
3 non-polymer 'SULFATE ION'
4 water water
#
_entity_poly.entity_id   1
_entity_poly.type   'polypeptide(L)'
_entity_poly.pdbx_seq_one_letter_code
;GTIARTIVLQESIGKGRFGEVWRGKWRGEEVAVKIFSSREERSWFREAEIYQTVMLRHENILGFIAADNKDNGTWTQLWL
VSDYHEHGSLFDYLNRYTVTVEGMIKLALSTASGLAHLHMEIVGTQGKPAIAHRDLKSKNILVKKNGTCCIADLGLAVRH
DSATDTIDIAPNHRVGTKRYMAPEVLDDSINMKHFESFKRADIYAMGLVFWEIARRCSIGGIHEDYQLPYYDLVPSDPSV
EEMRKVVCEQKLRPNIPNRWQSCEALRVMAKIMRECWYANGAARLTALRIKKTLSQLSQQEGIKM
;
_entity_poly.pdbx_strand_id   A
#
# COMPACT_ATOMS: atom_id res chain seq x y z
N GLY A 1 0.11 15.65 24.74
CA GLY A 1 0.96 16.77 24.36
C GLY A 1 0.20 17.90 23.69
N THR A 2 0.96 18.87 23.19
CA THR A 2 0.38 20.09 22.65
C THR A 2 -0.47 19.90 21.42
N ILE A 3 -0.25 18.83 20.65
CA ILE A 3 -1.07 18.61 19.47
C ILE A 3 -2.33 17.89 19.87
N ALA A 4 -2.23 16.73 20.57
CA ALA A 4 -3.47 15.99 20.92
C ALA A 4 -4.46 16.78 21.73
N ARG A 5 -3.99 17.71 22.61
CA ARG A 5 -4.92 18.51 23.42
C ARG A 5 -5.80 19.48 22.61
N THR A 6 -5.41 19.80 21.38
CA THR A 6 -6.10 20.74 20.47
C THR A 6 -6.89 20.04 19.38
N ILE A 7 -6.98 18.71 19.44
CA ILE A 7 -7.67 17.93 18.45
C ILE A 7 -8.99 17.42 19.00
N VAL A 8 -10.06 17.52 18.18
CA VAL A 8 -11.37 17.03 18.59
C VAL A 8 -11.73 15.88 17.67
N LEU A 9 -11.95 14.71 18.26
CA LEU A 9 -12.33 13.53 17.52
C LEU A 9 -13.81 13.63 17.13
N GLN A 10 -14.10 13.39 15.86
CA GLN A 10 -15.46 13.59 15.35
C GLN A 10 -16.17 12.29 15.01
N GLU A 11 -15.42 11.28 14.58
CA GLU A 11 -16.03 10.02 14.12
C GLU A 11 -15.00 8.92 14.03
N SER A 12 -15.34 7.74 14.54
CA SER A 12 -14.50 6.56 14.41
C SER A 12 -14.76 6.03 13.01
N ILE A 13 -13.72 6.03 12.16
CA ILE A 13 -13.92 5.62 10.77
C ILE A 13 -13.45 4.17 10.47
N GLY A 14 -12.63 3.58 11.32
CA GLY A 14 -12.17 2.22 11.07
C GLY A 14 -11.50 1.54 12.24
N LYS A 15 -11.68 0.21 12.35
CA LYS A 15 -11.05 -0.59 13.40
C LYS A 15 -10.21 -1.68 12.74
N GLY A 16 -8.89 -1.54 12.81
CA GLY A 16 -7.96 -2.53 12.26
C GLY A 16 -7.41 -3.46 13.32
N ARG A 17 -6.42 -4.29 12.94
CA ARG A 17 -5.77 -5.21 13.88
C ARG A 17 -4.92 -4.40 14.88
N PHE A 18 -4.25 -3.35 14.39
CA PHE A 18 -3.45 -2.43 15.18
C PHE A 18 -4.05 -1.03 15.11
N GLY A 19 -4.64 -0.59 16.20
CA GLY A 19 -5.23 0.74 16.32
C GLY A 19 -6.59 0.91 15.66
N GLU A 20 -7.22 2.05 15.96
CA GLU A 20 -8.54 2.46 15.48
C GLU A 20 -8.34 3.82 14.81
N VAL A 21 -8.90 4.04 13.61
CA VAL A 21 -8.74 5.34 12.93
C VAL A 21 -9.96 6.25 13.16
N TRP A 22 -9.69 7.54 13.46
CA TRP A 22 -10.75 8.52 13.68
C TRP A 22 -10.55 9.72 12.79
N ARG A 23 -11.63 10.38 12.41
CA ARG A 23 -11.59 11.65 11.72
C ARG A 23 -11.65 12.68 12.87
N GLY A 24 -10.69 13.58 12.87
CA GLY A 24 -10.59 14.62 13.88
C GLY A 24 -10.42 15.99 13.23
N LYS A 25 -10.48 17.02 14.06
CA LYS A 25 -10.32 18.40 13.61
C LYS A 25 -9.16 19.02 14.38
N TRP A 26 -8.12 19.52 13.65
CA TRP A 26 -6.93 20.14 14.23
C TRP A 26 -6.79 21.50 13.61
N ARG A 27 -6.84 22.58 14.42
CA ARG A 27 -6.70 23.96 13.97
C ARG A 27 -7.61 24.20 12.77
N GLY A 28 -8.86 23.74 12.93
CA GLY A 28 -9.95 23.88 11.96
C GLY A 28 -9.84 23.01 10.72
N GLU A 29 -8.83 22.11 10.64
CA GLU A 29 -8.62 21.24 9.48
C GLU A 29 -8.94 19.83 9.84
N GLU A 30 -9.43 19.05 8.88
CA GLU A 30 -9.66 17.62 9.14
C GLU A 30 -8.31 16.91 9.16
N VAL A 31 -8.14 15.95 10.07
CA VAL A 31 -6.95 15.12 10.21
C VAL A 31 -7.43 13.70 10.50
N ALA A 32 -6.55 12.73 10.27
CA ALA A 32 -6.88 11.36 10.61
C ALA A 32 -6.06 11.05 11.84
N VAL A 33 -6.66 10.41 12.80
CA VAL A 33 -5.91 10.08 13.99
C VAL A 33 -6.01 8.57 14.19
N LYS A 34 -4.88 7.88 14.27
CA LYS A 34 -4.88 6.44 14.57
C LYS A 34 -4.54 6.30 16.07
N ILE A 35 -5.42 5.63 16.85
CA ILE A 35 -5.26 5.51 18.30
C ILE A 35 -5.02 4.09 18.69
N PHE A 36 -4.02 3.89 19.56
CA PHE A 36 -3.60 2.60 20.10
C PHE A 36 -3.75 2.69 21.59
N SER A 37 -4.04 1.56 22.21
CA SER A 37 -4.10 1.53 23.65
C SER A 37 -2.68 1.37 24.20
N SER A 38 -2.53 1.55 25.52
CA SER A 38 -1.27 1.46 26.27
C SER A 38 -0.59 0.12 26.00
N ARG A 39 -1.35 -0.98 25.81
CA ARG A 39 -0.76 -2.30 25.62
C ARG A 39 -0.27 -2.54 24.14
N GLU A 40 -0.50 -1.54 23.24
CA GLU A 40 -0.13 -1.62 21.83
C GLU A 40 1.02 -0.64 21.54
N GLU A 41 1.81 -0.30 22.56
CA GLU A 41 2.87 0.68 22.45
C GLU A 41 3.92 0.30 21.43
N ARG A 42 4.28 -1.00 21.36
CA ARG A 42 5.28 -1.45 20.40
C ARG A 42 4.86 -1.14 18.93
N SER A 43 3.58 -1.43 18.61
CA SER A 43 3.01 -1.18 17.27
CA SER A 43 2.98 -1.19 17.29
C SER A 43 2.93 0.31 16.99
N TRP A 44 2.48 1.11 17.97
CA TRP A 44 2.40 2.54 17.81
C TRP A 44 3.82 3.13 17.60
N PHE A 45 4.82 2.70 18.41
CA PHE A 45 6.18 3.27 18.33
C PHE A 45 6.81 2.93 16.98
N ARG A 46 6.69 1.68 16.56
CA ARG A 46 7.22 1.27 15.25
C ARG A 46 6.61 2.07 14.10
N GLU A 47 5.30 2.29 14.12
CA GLU A 47 4.68 3.04 13.03
C GLU A 47 5.17 4.51 13.08
N ALA A 48 5.22 5.10 14.28
CA ALA A 48 5.76 6.48 14.42
C ALA A 48 7.20 6.52 13.84
N GLU A 49 8.00 5.50 14.13
CA GLU A 49 9.38 5.37 13.66
C GLU A 49 9.46 5.34 12.14
N ILE A 50 8.68 4.50 11.49
CA ILE A 50 8.71 4.47 10.02
C ILE A 50 8.24 5.81 9.41
N TYR A 51 7.16 6.39 9.96
CA TYR A 51 6.65 7.63 9.40
C TYR A 51 7.57 8.79 9.60
N GLN A 52 8.57 8.70 10.52
CA GLN A 52 9.53 9.78 10.75
C GLN A 52 10.84 9.56 9.99
N THR A 53 10.89 8.54 9.14
CA THR A 53 12.06 8.28 8.32
C THR A 53 12.46 9.54 7.56
N VAL A 54 13.76 9.85 7.57
CA VAL A 54 14.30 11.03 6.90
C VAL A 54 13.93 10.97 5.42
N MET A 55 13.52 12.11 4.84
N MET A 55 13.49 12.11 4.85
CA MET A 55 13.16 12.26 3.43
CA MET A 55 13.15 12.26 3.43
C MET A 55 12.00 11.35 2.95
C MET A 55 12.00 11.35 2.95
N LEU A 56 11.16 10.85 3.87
CA LEU A 56 10.06 9.96 3.48
C LEU A 56 8.96 10.72 2.68
N ARG A 57 8.71 11.99 3.01
CA ARG A 57 7.53 12.71 2.48
C ARG A 57 7.49 12.75 0.99
N HIS A 58 6.32 12.44 0.42
CA HIS A 58 6.15 12.35 -1.03
C HIS A 58 4.67 12.47 -1.27
N GLU A 59 4.27 13.03 -2.42
CA GLU A 59 2.84 13.21 -2.71
C GLU A 59 2.08 11.89 -2.71
N ASN A 60 2.80 10.76 -2.88
CA ASN A 60 2.11 9.49 -2.94
C ASN A 60 2.38 8.59 -1.74
N ILE A 61 2.73 9.20 -0.61
N ILE A 61 2.72 9.22 -0.61
CA ILE A 61 2.88 8.49 0.66
CA ILE A 61 2.91 8.57 0.69
C ILE A 61 2.07 9.33 1.66
C ILE A 61 2.02 9.37 1.64
N LEU A 62 1.27 8.68 2.50
CA LEU A 62 0.42 9.40 3.46
C LEU A 62 1.23 10.43 4.29
N GLY A 63 0.76 11.67 4.32
CA GLY A 63 1.42 12.77 5.03
C GLY A 63 1.32 12.63 6.53
N PHE A 64 2.44 12.39 7.22
CA PHE A 64 2.41 12.22 8.67
C PHE A 64 2.58 13.56 9.35
N ILE A 65 1.80 13.80 10.42
CA ILE A 65 1.89 15.06 11.16
C ILE A 65 2.64 14.89 12.47
N ALA A 66 2.17 13.97 13.35
CA ALA A 66 2.85 13.81 14.63
C ALA A 66 2.39 12.61 15.39
N ALA A 67 3.29 12.12 16.28
CA ALA A 67 2.95 11.12 17.27
C ALA A 67 2.61 11.95 18.53
N ASP A 68 1.73 11.44 19.35
CA ASP A 68 1.34 12.13 20.59
C ASP A 68 0.67 11.12 21.48
N ASN A 69 0.36 11.56 22.71
N ASN A 69 0.25 11.55 22.66
CA ASN A 69 -0.27 10.82 23.81
CA ASN A 69 -0.51 10.72 23.57
C ASN A 69 -1.43 11.68 24.34
C ASN A 69 -1.49 11.65 24.24
N LYS A 70 -2.55 11.06 24.75
CA LYS A 70 -3.65 11.83 25.36
C LYS A 70 -4.20 11.05 26.55
N ASP A 71 -4.22 11.70 27.71
CA ASP A 71 -4.76 11.11 28.93
C ASP A 71 -6.12 11.74 29.18
N ASN A 72 -7.15 10.92 29.19
CA ASN A 72 -8.52 11.42 29.39
C ASN A 72 -8.90 11.52 30.87
N GLY A 73 -7.99 11.13 31.74
CA GLY A 73 -8.20 11.14 33.19
C GLY A 73 -8.44 9.74 33.72
N THR A 74 -8.61 8.75 32.82
CA THR A 74 -8.77 7.34 33.21
C THR A 74 -7.71 6.47 32.55
N TRP A 75 -7.46 6.67 31.25
CA TRP A 75 -6.44 5.89 30.51
C TRP A 75 -5.70 6.74 29.54
N THR A 76 -4.53 6.26 29.12
CA THR A 76 -3.73 6.96 28.11
C THR A 76 -3.96 6.33 26.76
N GLN A 77 -4.10 7.18 25.73
CA GLN A 77 -4.24 6.79 24.32
C GLN A 77 -2.95 7.21 23.62
N LEU A 78 -2.43 6.37 22.72
CA LEU A 78 -1.26 6.66 21.90
C LEU A 78 -1.77 7.02 20.49
N TRP A 79 -1.43 8.22 20.03
CA TRP A 79 -1.93 8.77 18.78
C TRP A 79 -0.89 8.87 17.69
N LEU A 80 -1.33 8.65 16.43
CA LEU A 80 -0.55 8.97 15.25
C LEU A 80 -1.48 9.87 14.41
N VAL A 81 -1.10 11.14 14.17
CA VAL A 81 -1.94 12.12 13.46
C VAL A 81 -1.41 12.27 12.07
N SER A 82 -2.32 12.16 11.07
N SER A 82 -2.32 12.12 11.07
CA SER A 82 -1.91 12.28 9.66
CA SER A 82 -1.95 12.24 9.66
C SER A 82 -2.92 13.12 8.88
C SER A 82 -2.95 13.09 8.88
N ASP A 83 -2.65 13.31 7.59
CA ASP A 83 -3.55 14.02 6.69
C ASP A 83 -4.80 13.16 6.57
N TYR A 84 -5.94 13.78 6.38
CA TYR A 84 -7.19 13.08 6.21
C TYR A 84 -7.58 13.09 4.72
N HIS A 85 -7.92 11.91 4.19
CA HIS A 85 -8.41 11.75 2.81
C HIS A 85 -9.82 11.18 2.84
N GLU A 86 -10.77 12.06 2.50
CA GLU A 86 -12.21 11.76 2.54
C GLU A 86 -12.64 10.47 1.78
N HIS A 87 -12.07 10.21 0.59
CA HIS A 87 -12.45 8.99 -0.17
C HIS A 87 -12.12 7.70 0.58
N GLY A 88 -11.15 7.79 1.48
CA GLY A 88 -10.68 6.63 2.21
C GLY A 88 -9.86 5.71 1.32
N SER A 89 -9.96 4.43 1.57
CA SER A 89 -9.13 3.47 0.84
C SER A 89 -9.52 3.31 -0.62
N LEU A 90 -8.52 2.87 -1.41
CA LEU A 90 -8.71 2.51 -2.80
C LEU A 90 -9.75 1.37 -2.85
N PHE A 91 -9.74 0.46 -1.84
CA PHE A 91 -10.71 -0.65 -1.74
C PHE A 91 -12.13 -0.04 -1.68
N ASP A 92 -12.35 0.93 -0.79
CA ASP A 92 -13.67 1.57 -0.70
C ASP A 92 -13.99 2.27 -2.00
N TYR A 93 -13.01 2.99 -2.56
CA TYR A 93 -13.21 3.79 -3.76
C TYR A 93 -13.59 2.90 -4.97
N LEU A 94 -12.94 1.76 -5.14
CA LEU A 94 -13.25 0.87 -6.27
C LEU A 94 -14.56 0.12 -6.06
N ASN A 95 -15.00 -0.03 -4.81
CA ASN A 95 -16.27 -0.70 -4.54
C ASN A 95 -17.38 0.25 -4.89
N ARG A 96 -17.20 1.54 -4.57
CA ARG A 96 -18.23 2.56 -4.81
C ARG A 96 -18.31 3.04 -6.25
N TYR A 97 -17.15 3.17 -6.92
CA TYR A 97 -17.11 3.74 -8.27
C TYR A 97 -16.45 2.89 -9.31
N THR A 98 -16.70 3.28 -10.57
CA THR A 98 -15.95 2.81 -11.72
C THR A 98 -15.02 3.98 -12.07
N VAL A 99 -13.98 3.72 -12.88
CA VAL A 99 -13.05 4.80 -13.23
C VAL A 99 -12.95 4.92 -14.74
N THR A 100 -12.52 6.09 -15.27
CA THR A 100 -12.27 6.27 -16.71
C THR A 100 -10.88 5.66 -16.99
N VAL A 101 -10.46 5.60 -18.27
CA VAL A 101 -9.10 5.13 -18.61
C VAL A 101 -8.11 6.10 -17.91
N GLU A 102 -8.43 7.42 -17.96
CA GLU A 102 -7.60 8.43 -17.30
C GLU A 102 -7.53 8.20 -15.82
N GLY A 103 -8.68 7.93 -15.19
CA GLY A 103 -8.79 7.67 -13.75
C GLY A 103 -7.96 6.45 -13.38
N MET A 104 -8.04 5.40 -14.21
CA MET A 104 -7.27 4.18 -13.94
C MET A 104 -5.77 4.46 -13.95
N ILE A 105 -5.29 5.17 -14.97
CA ILE A 105 -3.85 5.49 -15.11
C ILE A 105 -3.38 6.32 -13.92
N LYS A 106 -4.16 7.35 -13.53
CA LYS A 106 -3.85 8.22 -12.40
C LYS A 106 -3.69 7.40 -11.11
N LEU A 107 -4.60 6.45 -10.85
CA LEU A 107 -4.51 5.61 -9.64
C LEU A 107 -3.32 4.66 -9.69
N ALA A 108 -3.07 4.02 -10.85
CA ALA A 108 -1.97 3.06 -10.97
C ALA A 108 -0.59 3.79 -10.91
N LEU A 109 -0.47 4.90 -11.65
CA LEU A 109 0.80 5.65 -11.73
C LEU A 109 1.17 6.22 -10.38
N SER A 110 0.19 6.75 -9.65
CA SER A 110 0.48 7.32 -8.33
C SER A 110 0.85 6.27 -7.32
N THR A 111 0.23 5.07 -7.39
CA THR A 111 0.60 3.94 -6.52
C THR A 111 2.05 3.56 -6.81
N ALA A 112 2.39 3.40 -8.10
CA ALA A 112 3.76 3.02 -8.48
C ALA A 112 4.77 4.09 -8.09
N SER A 113 4.39 5.39 -8.16
CA SER A 113 5.32 6.46 -7.80
CA SER A 113 5.30 6.47 -7.79
C SER A 113 5.59 6.43 -6.31
N GLY A 114 4.55 6.16 -5.50
CA GLY A 114 4.70 6.07 -4.06
C GLY A 114 5.59 4.90 -3.68
N LEU A 115 5.41 3.77 -4.39
CA LEU A 115 6.18 2.57 -4.09
C LEU A 115 7.61 2.72 -4.53
N ALA A 116 7.84 3.37 -5.68
CA ALA A 116 9.20 3.63 -6.18
C ALA A 116 9.93 4.52 -5.15
N HIS A 117 9.25 5.54 -4.57
CA HIS A 117 9.85 6.40 -3.55
C HIS A 117 10.15 5.59 -2.26
N LEU A 118 9.21 4.75 -1.77
CA LEU A 118 9.50 3.91 -0.59
C LEU A 118 10.73 3.06 -0.83
N HIS A 119 10.77 2.34 -1.98
CA HIS A 119 11.87 1.47 -2.36
C HIS A 119 13.21 2.15 -2.60
N MET A 120 13.23 3.46 -2.95
CA MET A 120 14.46 4.14 -3.34
C MET A 120 15.33 4.50 -2.14
N GLU A 121 16.63 4.16 -2.23
CA GLU A 121 17.60 4.63 -1.22
C GLU A 121 18.12 5.99 -1.74
N ILE A 122 18.27 6.96 -0.84
CA ILE A 122 18.86 8.26 -1.17
C ILE A 122 20.09 8.32 -0.28
N VAL A 123 21.29 8.47 -0.88
CA VAL A 123 22.53 8.46 -0.11
C VAL A 123 22.89 9.91 0.24
N GLY A 124 23.35 10.14 1.47
CA GLY A 124 23.73 11.48 1.90
C GLY A 124 23.54 11.76 3.37
N THR A 125 23.85 13.00 3.78
CA THR A 125 23.73 13.51 5.15
C THR A 125 22.26 13.39 5.64
N GLN A 126 21.33 13.68 4.74
CA GLN A 126 19.89 13.56 4.99
C GLN A 126 19.41 12.44 4.08
N GLY A 127 20.11 11.32 4.13
CA GLY A 127 19.82 10.14 3.33
C GLY A 127 18.55 9.43 3.75
N LYS A 128 17.94 8.72 2.82
CA LYS A 128 16.72 7.98 3.06
C LYS A 128 17.06 6.48 2.85
N PRO A 129 16.73 5.60 3.82
CA PRO A 129 16.94 4.16 3.60
C PRO A 129 15.88 3.61 2.66
N ALA A 130 16.20 2.52 1.95
CA ALA A 130 15.17 1.85 1.15
C ALA A 130 14.18 1.23 2.14
N ILE A 131 12.88 1.25 1.77
CA ILE A 131 11.86 0.73 2.66
C ILE A 131 10.97 -0.24 1.87
N ALA A 132 10.64 -1.38 2.46
CA ALA A 132 9.70 -2.34 1.87
C ALA A 132 8.45 -2.34 2.76
N HIS A 133 7.26 -2.29 2.15
CA HIS A 133 5.98 -2.17 2.88
C HIS A 133 5.59 -3.43 3.64
N ARG A 134 5.64 -4.58 2.97
CA ARG A 134 5.26 -5.91 3.47
C ARG A 134 3.79 -6.15 3.64
N ASP A 135 2.95 -5.14 3.36
CA ASP A 135 1.50 -5.35 3.49
C ASP A 135 0.74 -4.47 2.51
N LEU A 136 1.22 -4.43 1.26
CA LEU A 136 0.57 -3.58 0.27
C LEU A 136 -0.71 -4.29 -0.20
N LYS A 137 -1.82 -3.54 -0.21
CA LYS A 137 -3.16 -4.05 -0.61
C LYS A 137 -4.04 -2.86 -0.84
N SER A 138 -5.18 -3.04 -1.54
CA SER A 138 -6.03 -1.87 -1.82
C SER A 138 -6.64 -1.24 -0.57
N LYS A 139 -6.76 -2.02 0.52
CA LYS A 139 -7.24 -1.45 1.79
C LYS A 139 -6.18 -0.57 2.46
N ASN A 140 -4.88 -0.62 2.04
CA ASN A 140 -3.78 0.17 2.62
C ASN A 140 -3.33 1.35 1.76
N ILE A 141 -4.07 1.63 0.70
CA ILE A 141 -3.79 2.74 -0.21
C ILE A 141 -4.97 3.67 -0.09
N LEU A 142 -4.73 4.97 0.06
CA LEU A 142 -5.83 5.95 0.16
C LEU A 142 -5.96 6.73 -1.12
N VAL A 143 -7.17 7.24 -1.41
CA VAL A 143 -7.40 8.06 -2.61
C VAL A 143 -7.60 9.50 -2.21
N LYS A 144 -6.85 10.40 -2.84
CA LYS A 144 -6.90 11.82 -2.56
C LYS A 144 -7.99 12.46 -3.39
N LYS A 145 -8.33 13.70 -3.02
CA LYS A 145 -9.35 14.51 -3.69
C LYS A 145 -9.06 14.64 -5.17
N ASN A 146 -7.77 14.69 -5.56
CA ASN A 146 -7.41 14.84 -6.97
C ASN A 146 -7.40 13.53 -7.78
N GLY A 147 -7.88 12.42 -7.19
CA GLY A 147 -7.92 11.15 -7.91
C GLY A 147 -6.62 10.36 -7.99
N THR A 148 -5.61 10.80 -7.23
CA THR A 148 -4.34 10.09 -7.13
C THR A 148 -4.28 9.36 -5.77
N CYS A 149 -3.39 8.37 -5.65
CA CYS A 149 -3.28 7.56 -4.42
C CYS A 149 -2.13 7.97 -3.55
N CYS A 150 -2.19 7.57 -2.27
CA CYS A 150 -1.05 7.65 -1.38
C CYS A 150 -1.00 6.37 -0.54
N ILE A 151 0.19 5.79 -0.42
CA ILE A 151 0.35 4.54 0.33
C ILE A 151 0.34 4.86 1.82
N ALA A 152 -0.40 4.05 2.58
CA ALA A 152 -0.58 4.26 4.01
C ALA A 152 -0.27 2.95 4.71
N ASP A 153 -0.47 2.96 6.01
CA ASP A 153 -0.28 1.78 6.85
C ASP A 153 1.08 1.18 6.69
N LEU A 154 2.08 1.99 7.05
CA LEU A 154 3.48 1.62 6.97
C LEU A 154 4.01 0.93 8.24
N GLY A 155 3.15 0.61 9.21
CA GLY A 155 3.59 -0.01 10.45
C GLY A 155 4.31 -1.34 10.35
N LEU A 156 4.11 -2.11 9.22
CA LEU A 156 4.82 -3.39 9.06
C LEU A 156 6.06 -3.29 8.18
N ALA A 157 6.40 -2.06 7.78
CA ALA A 157 7.55 -1.87 6.91
C ALA A 157 8.90 -2.30 7.53
N VAL A 158 9.89 -2.56 6.65
CA VAL A 158 11.27 -2.86 7.02
C VAL A 158 12.15 -1.91 6.25
N ARG A 159 13.27 -1.52 6.90
CA ARG A 159 14.22 -0.56 6.37
C ARG A 159 15.57 -1.20 6.18
N HIS A 160 16.21 -0.89 5.04
CA HIS A 160 17.52 -1.44 4.69
C HIS A 160 18.68 -0.54 5.12
N ASP A 161 19.80 -1.15 5.62
CA ASP A 161 21.09 -0.52 5.97
C ASP A 161 22.01 -0.99 4.84
N SER A 162 22.13 -0.19 3.77
CA SER A 162 22.82 -0.50 2.53
C SER A 162 24.30 -0.90 2.63
N ALA A 163 25.07 -0.27 3.53
CA ALA A 163 26.50 -0.56 3.65
C ALA A 163 26.79 -1.99 4.13
N THR A 164 25.94 -2.53 5.02
CA THR A 164 26.10 -3.88 5.54
C THR A 164 25.13 -4.89 4.92
N ASP A 165 24.13 -4.41 4.16
CA ASP A 165 23.09 -5.26 3.55
C ASP A 165 22.32 -5.98 4.69
N THR A 166 21.83 -5.17 5.68
CA THR A 166 21.07 -5.66 6.85
C THR A 166 19.75 -4.93 6.98
N ILE A 167 18.75 -5.60 7.56
CA ILE A 167 17.40 -5.06 7.73
C ILE A 167 17.24 -4.63 9.19
N ASP A 168 16.69 -3.42 9.43
CA ASP A 168 16.65 -2.77 10.75
C ASP A 168 15.99 -3.59 11.85
N ILE A 169 15.01 -4.46 11.52
CA ILE A 169 14.35 -5.27 12.54
C ILE A 169 14.57 -6.79 12.35
N ALA A 170 15.48 -7.18 11.42
CA ALA A 170 15.84 -8.58 11.12
C ALA A 170 14.60 -9.50 11.16
N PRO A 171 13.65 -9.32 10.20
CA PRO A 171 12.42 -10.12 10.22
C PRO A 171 12.69 -11.61 10.04
N ASN A 172 12.13 -12.42 10.94
CA ASN A 172 12.28 -13.87 10.93
C ASN A 172 10.93 -14.58 10.89
N HIS A 173 9.87 -13.81 10.57
CA HIS A 173 8.51 -14.36 10.45
C HIS A 173 7.71 -13.62 9.40
N ARG A 174 6.76 -14.35 8.81
CA ARG A 174 5.83 -13.89 7.79
C ARG A 174 4.81 -12.96 8.46
N VAL A 175 4.50 -11.85 7.77
CA VAL A 175 3.56 -10.84 8.23
C VAL A 175 2.73 -10.45 6.99
N GLY A 176 1.71 -9.63 7.20
CA GLY A 176 0.91 -9.08 6.12
C GLY A 176 -0.35 -9.86 5.82
N THR A 177 -1.08 -9.39 4.84
CA THR A 177 -2.35 -9.92 4.40
C THR A 177 -2.15 -11.16 3.51
N LYS A 178 -2.70 -12.29 3.92
CA LYS A 178 -2.48 -13.58 3.29
C LYS A 178 -2.81 -13.59 1.78
N ARG A 179 -3.93 -12.95 1.42
CA ARG A 179 -4.36 -12.89 0.04
C ARG A 179 -3.32 -12.28 -0.91
N TYR A 180 -2.56 -11.28 -0.41
CA TYR A 180 -1.60 -10.55 -1.21
C TYR A 180 -0.15 -11.05 -1.09
N MET A 181 0.07 -12.14 -0.31
CA MET A 181 1.42 -12.66 -0.10
C MET A 181 2.00 -13.23 -1.38
N ALA A 182 3.24 -12.89 -1.66
CA ALA A 182 3.93 -13.37 -2.85
C ALA A 182 4.17 -14.89 -2.74
N PRO A 183 4.32 -15.60 -3.89
CA PRO A 183 4.53 -17.05 -3.82
C PRO A 183 5.67 -17.45 -2.90
N GLU A 184 6.80 -16.72 -2.91
CA GLU A 184 7.97 -17.01 -2.06
C GLU A 184 7.69 -16.77 -0.58
N VAL A 185 6.70 -15.93 -0.27
CA VAL A 185 6.31 -15.71 1.12
C VAL A 185 5.40 -16.86 1.56
N LEU A 186 4.47 -17.25 0.70
CA LEU A 186 3.51 -18.35 0.98
C LEU A 186 4.18 -19.69 1.20
N ASP A 187 5.19 -20.02 0.38
CA ASP A 187 5.87 -21.31 0.52
C ASP A 187 7.13 -21.24 1.42
N ASP A 188 7.36 -20.04 2.00
CA ASP A 188 8.47 -19.71 2.92
C ASP A 188 9.89 -19.91 2.33
N SER A 189 10.02 -19.81 1.01
CA SER A 189 11.31 -19.90 0.33
C SER A 189 12.07 -18.56 0.31
N ILE A 190 11.38 -17.46 0.63
CA ILE A 190 12.02 -16.13 0.60
C ILE A 190 13.19 -16.05 1.58
N ASN A 191 14.25 -15.39 1.16
CA ASN A 191 15.40 -15.21 2.01
C ASN A 191 15.18 -13.92 2.78
N MET A 192 14.75 -14.03 4.05
CA MET A 192 14.42 -12.85 4.87
C MET A 192 15.63 -12.03 5.30
N LYS A 193 16.85 -12.44 4.88
CA LYS A 193 18.07 -11.67 5.10
C LYS A 193 18.35 -10.78 3.86
N HIS A 194 17.64 -11.05 2.75
CA HIS A 194 17.82 -10.39 1.46
C HIS A 194 16.77 -9.28 1.21
N PHE A 195 17.16 -8.03 1.49
CA PHE A 195 16.22 -6.90 1.35
C PHE A 195 15.51 -6.80 -0.03
N GLU A 196 16.26 -7.05 -1.11
CA GLU A 196 15.70 -7.03 -2.47
C GLU A 196 14.54 -8.00 -2.59
N SER A 197 14.57 -9.10 -1.82
CA SER A 197 13.42 -10.01 -1.83
C SER A 197 12.15 -9.35 -1.28
N PHE A 198 12.27 -8.42 -0.29
CA PHE A 198 11.06 -7.78 0.20
C PHE A 198 10.49 -6.78 -0.82
N LYS A 199 11.36 -6.07 -1.56
CA LYS A 199 10.92 -5.16 -2.61
C LYS A 199 10.19 -5.96 -3.67
N ARG A 200 10.73 -7.10 -4.06
CA ARG A 200 10.09 -7.93 -5.08
C ARG A 200 8.71 -8.45 -4.67
N ALA A 201 8.54 -8.78 -3.39
CA ALA A 201 7.25 -9.26 -2.88
C ALA A 201 6.20 -8.14 -2.90
N ASP A 202 6.64 -6.88 -2.68
CA ASP A 202 5.76 -5.72 -2.73
C ASP A 202 5.24 -5.55 -4.17
N ILE A 203 6.11 -5.75 -5.19
CA ILE A 203 5.74 -5.63 -6.60
C ILE A 203 4.67 -6.61 -6.97
N TYR A 204 4.79 -7.86 -6.51
CA TYR A 204 3.73 -8.85 -6.72
C TYR A 204 2.39 -8.34 -6.16
N ALA A 205 2.37 -7.81 -4.91
CA ALA A 205 1.13 -7.28 -4.33
C ALA A 205 0.62 -6.06 -5.11
N MET A 206 1.51 -5.21 -5.61
CA MET A 206 1.07 -4.06 -6.42
C MET A 206 0.40 -4.54 -7.74
N GLY A 207 0.90 -5.64 -8.28
CA GLY A 207 0.29 -6.26 -9.45
C GLY A 207 -1.15 -6.63 -9.22
N LEU A 208 -1.44 -7.20 -8.04
CA LEU A 208 -2.80 -7.60 -7.67
C LEU A 208 -3.69 -6.35 -7.50
N VAL A 209 -3.13 -5.27 -6.97
CA VAL A 209 -3.86 -4.00 -6.80
C VAL A 209 -4.18 -3.44 -8.20
N PHE A 210 -3.22 -3.51 -9.15
CA PHE A 210 -3.49 -3.00 -10.51
C PHE A 210 -4.66 -3.75 -11.18
N TRP A 211 -4.73 -5.08 -10.95
CA TRP A 211 -5.81 -5.93 -11.47
C TRP A 211 -7.14 -5.45 -10.89
N GLU A 212 -7.15 -5.08 -9.59
CA GLU A 212 -8.37 -4.57 -8.93
C GLU A 212 -8.84 -3.30 -9.60
N ILE A 213 -7.91 -2.40 -9.92
CA ILE A 213 -8.25 -1.10 -10.52
C ILE A 213 -8.77 -1.31 -11.93
N ALA A 214 -8.02 -2.07 -12.75
CA ALA A 214 -8.38 -2.31 -14.16
C ALA A 214 -9.78 -2.91 -14.34
N ARG A 215 -10.22 -3.78 -13.39
CA ARG A 215 -11.58 -4.34 -13.51
C ARG A 215 -12.63 -3.22 -13.47
N ARG A 216 -12.31 -2.11 -12.78
CA ARG A 216 -13.27 -1.03 -12.58
C ARG A 216 -13.13 0.06 -13.64
N CYS A 217 -12.28 -0.15 -14.63
CA CYS A 217 -12.13 0.79 -15.74
C CYS A 217 -13.30 0.59 -16.70
N SER A 218 -14.11 1.66 -16.89
CA SER A 218 -15.33 1.62 -17.68
C SER A 218 -15.11 2.26 -19.06
N ILE A 219 -15.14 1.43 -20.11
CA ILE A 219 -14.94 1.85 -21.51
C ILE A 219 -16.15 1.42 -22.32
N GLY A 220 -16.86 2.39 -22.91
CA GLY A 220 -18.07 2.15 -23.67
C GLY A 220 -19.11 1.42 -22.83
N GLY A 221 -19.12 1.75 -21.54
CA GLY A 221 -20.01 1.17 -20.54
C GLY A 221 -19.63 -0.21 -20.07
N ILE A 222 -18.50 -0.76 -20.57
CA ILE A 222 -18.04 -2.11 -20.22
C ILE A 222 -17.07 -2.07 -19.05
N HIS A 223 -17.35 -2.87 -18.00
CA HIS A 223 -16.52 -3.03 -16.80
C HIS A 223 -16.91 -4.27 -15.97
N GLU A 224 -16.04 -4.67 -15.05
CA GLU A 224 -16.29 -5.83 -14.17
C GLU A 224 -16.77 -5.34 -12.79
N ASP A 225 -17.49 -6.20 -12.02
CA ASP A 225 -17.92 -5.84 -10.66
C ASP A 225 -16.66 -5.82 -9.77
N TYR A 226 -16.66 -5.10 -8.65
CA TYR A 226 -15.48 -5.13 -7.81
C TYR A 226 -15.24 -6.52 -7.21
N GLN A 227 -13.98 -6.96 -7.24
CA GLN A 227 -13.58 -8.20 -6.59
C GLN A 227 -12.17 -8.08 -6.08
N LEU A 228 -11.89 -8.75 -4.95
CA LEU A 228 -10.53 -8.87 -4.40
C LEU A 228 -9.83 -9.89 -5.27
N PRO A 229 -8.50 -9.83 -5.38
CA PRO A 229 -7.81 -10.86 -6.19
C PRO A 229 -8.02 -12.24 -5.59
N TYR A 230 -8.18 -13.26 -6.44
CA TYR A 230 -8.41 -14.65 -6.04
C TYR A 230 -9.81 -14.89 -5.46
N TYR A 231 -10.77 -13.96 -5.71
CA TYR A 231 -12.15 -14.08 -5.23
C TYR A 231 -12.83 -15.34 -5.74
N ASP A 232 -12.35 -15.82 -6.89
CA ASP A 232 -12.88 -16.96 -7.65
C ASP A 232 -12.22 -18.29 -7.26
N LEU A 233 -11.28 -18.25 -6.30
CA LEU A 233 -10.45 -19.40 -5.95
C LEU A 233 -10.24 -19.67 -4.45
N VAL A 234 -10.46 -18.67 -3.58
CA VAL A 234 -10.25 -18.85 -2.14
C VAL A 234 -11.42 -18.25 -1.36
N PRO A 235 -11.62 -18.64 -0.11
CA PRO A 235 -12.66 -18.02 0.73
C PRO A 235 -12.26 -16.62 1.26
N SER A 236 -13.22 -15.87 1.82
CA SER A 236 -12.90 -14.60 2.48
C SER A 236 -12.00 -14.98 3.69
N ASP A 237 -11.07 -14.11 4.09
CA ASP A 237 -10.07 -14.39 5.15
C ASP A 237 -9.34 -15.73 4.88
N PRO A 238 -8.68 -15.89 3.70
CA PRO A 238 -8.04 -17.19 3.41
C PRO A 238 -6.84 -17.45 4.29
N SER A 239 -6.53 -18.73 4.47
CA SER A 239 -5.37 -19.13 5.23
C SER A 239 -4.15 -19.13 4.34
N VAL A 240 -2.98 -19.26 4.96
CA VAL A 240 -1.72 -19.39 4.21
C VAL A 240 -1.79 -20.64 3.32
N GLU A 241 -2.22 -21.78 3.88
CA GLU A 241 -2.37 -23.05 3.15
C GLU A 241 -3.29 -22.89 1.93
N GLU A 242 -4.47 -22.25 2.09
CA GLU A 242 -5.42 -22.03 0.98
C GLU A 242 -4.79 -21.23 -0.15
N MET A 243 -4.09 -20.15 0.20
CA MET A 243 -3.42 -19.30 -0.76
C MET A 243 -2.30 -20.06 -1.43
N ARG A 244 -1.50 -20.77 -0.66
CA ARG A 244 -0.35 -21.51 -1.19
C ARG A 244 -0.76 -22.55 -2.24
N LYS A 245 -1.86 -23.28 -1.98
CA LYS A 245 -2.38 -24.29 -2.91
C LYS A 245 -2.73 -23.69 -4.26
N VAL A 246 -3.24 -22.47 -4.24
CA VAL A 246 -3.61 -21.79 -5.48
C VAL A 246 -2.41 -21.14 -6.19
N VAL A 247 -1.69 -20.28 -5.46
CA VAL A 247 -0.63 -19.43 -6.02
C VAL A 247 0.66 -20.21 -6.33
N CYS A 248 1.04 -21.15 -5.44
CA CYS A 248 2.28 -21.92 -5.58
C CYS A 248 2.10 -23.26 -6.24
N GLU A 249 1.05 -24.01 -5.87
CA GLU A 249 0.87 -25.38 -6.36
C GLU A 249 0.18 -25.41 -7.68
N GLN A 250 -1.01 -24.79 -7.78
CA GLN A 250 -1.74 -24.82 -9.06
C GLN A 250 -1.19 -23.73 -9.98
N LYS A 251 -0.43 -22.77 -9.39
CA LYS A 251 0.27 -21.65 -10.07
C LYS A 251 -0.70 -20.72 -10.84
N LEU A 252 -1.87 -20.45 -10.24
CA LEU A 252 -2.87 -19.56 -10.81
C LEU A 252 -2.63 -18.14 -10.39
N ARG A 253 -3.12 -17.21 -11.21
CA ARG A 253 -3.09 -15.78 -10.93
C ARG A 253 -4.47 -15.23 -11.26
N PRO A 254 -4.83 -13.99 -10.86
CA PRO A 254 -6.16 -13.47 -11.25
C PRO A 254 -6.33 -13.46 -12.78
N ASN A 255 -7.55 -13.73 -13.26
CA ASN A 255 -7.81 -13.80 -14.70
C ASN A 255 -7.67 -12.45 -15.36
N ILE A 256 -6.99 -12.42 -16.53
CA ILE A 256 -6.85 -11.24 -17.37
C ILE A 256 -7.80 -11.42 -18.56
N PRO A 257 -8.87 -10.65 -18.64
CA PRO A 257 -9.79 -10.83 -19.77
C PRO A 257 -9.17 -10.45 -21.12
N ASN A 258 -9.47 -11.20 -22.19
CA ASN A 258 -8.93 -10.89 -23.51
C ASN A 258 -9.33 -9.50 -24.00
N ARG A 259 -10.49 -9.00 -23.54
CA ARG A 259 -10.97 -7.67 -23.95
C ARG A 259 -10.08 -6.52 -23.43
N TRP A 260 -9.13 -6.79 -22.49
CA TRP A 260 -8.15 -5.79 -22.06
C TRP A 260 -7.05 -5.60 -23.17
N GLN A 261 -7.05 -6.45 -24.22
N GLN A 261 -7.05 -6.45 -24.22
CA GLN A 261 -6.11 -6.35 -25.34
CA GLN A 261 -6.11 -6.35 -25.34
C GLN A 261 -6.61 -5.38 -26.43
C GLN A 261 -6.61 -5.38 -26.43
N SER A 262 -7.94 -5.12 -26.45
CA SER A 262 -8.59 -4.22 -27.43
C SER A 262 -8.48 -2.72 -27.08
N CYS A 263 -7.88 -2.40 -25.92
CA CYS A 263 -7.68 -1.04 -25.44
C CYS A 263 -6.20 -0.92 -25.02
N GLU A 264 -5.47 0.08 -25.57
CA GLU A 264 -4.04 0.32 -25.33
C GLU A 264 -3.67 0.46 -23.84
N ALA A 265 -4.40 1.31 -23.11
CA ALA A 265 -4.21 1.53 -21.69
C ALA A 265 -4.35 0.22 -20.92
N LEU A 266 -5.42 -0.55 -21.21
CA LEU A 266 -5.61 -1.86 -20.54
C LEU A 266 -4.57 -2.89 -20.94
N ARG A 267 -4.05 -2.80 -22.16
CA ARG A 267 -3.03 -3.72 -22.66
C ARG A 267 -1.74 -3.53 -21.90
N VAL A 268 -1.33 -2.26 -21.72
CA VAL A 268 -0.14 -1.89 -20.97
C VAL A 268 -0.34 -2.35 -19.54
N MET A 269 -1.53 -2.06 -18.94
CA MET A 269 -1.83 -2.49 -17.56
C MET A 269 -1.76 -4.04 -17.44
N ALA A 270 -2.30 -4.77 -18.41
CA ALA A 270 -2.25 -6.25 -18.36
C ALA A 270 -0.84 -6.78 -18.43
N LYS A 271 -0.01 -6.16 -19.27
CA LYS A 271 1.38 -6.57 -19.44
C LYS A 271 2.12 -6.36 -18.11
N ILE A 272 1.90 -5.21 -17.44
CA ILE A 272 2.50 -4.90 -16.13
C ILE A 272 2.06 -5.98 -15.12
N MET A 273 0.75 -6.26 -15.02
CA MET A 273 0.30 -7.30 -14.07
C MET A 273 1.05 -8.59 -14.25
N ARG A 274 1.09 -9.14 -15.51
CA ARG A 274 1.78 -10.41 -15.78
C ARG A 274 3.24 -10.34 -15.32
N GLU A 275 3.91 -9.16 -15.51
CA GLU A 275 5.33 -9.00 -15.19
C GLU A 275 5.59 -8.71 -13.72
N CYS A 276 4.53 -8.58 -12.92
CA CYS A 276 4.59 -8.43 -11.47
C CYS A 276 4.33 -9.81 -10.88
N TRP A 277 3.72 -10.71 -11.66
CA TRP A 277 3.22 -11.97 -11.14
C TRP A 277 4.08 -13.18 -11.36
N TYR A 278 5.26 -13.00 -11.93
CA TYR A 278 6.16 -14.12 -12.11
C TYR A 278 6.44 -14.79 -10.78
N ALA A 279 6.53 -16.14 -10.79
CA ALA A 279 6.86 -16.86 -9.56
C ALA A 279 8.31 -16.45 -9.10
N ASN A 280 9.23 -16.19 -10.06
CA ASN A 280 10.59 -15.77 -9.75
C ASN A 280 10.62 -14.26 -9.49
N GLY A 281 10.79 -13.87 -8.22
CA GLY A 281 10.85 -12.48 -7.80
C GLY A 281 11.82 -11.64 -8.61
N ALA A 282 13.00 -12.21 -8.91
CA ALA A 282 14.04 -11.53 -9.70
C ALA A 282 13.60 -11.12 -11.13
N ALA A 283 12.58 -11.79 -11.71
CA ALA A 283 12.09 -11.50 -13.04
C ALA A 283 11.10 -10.33 -13.03
N ARG A 284 10.54 -9.99 -11.85
CA ARG A 284 9.53 -8.94 -11.74
C ARG A 284 10.07 -7.56 -12.13
N LEU A 285 9.16 -6.69 -12.62
CA LEU A 285 9.46 -5.29 -12.91
C LEU A 285 9.78 -4.60 -11.59
N THR A 286 10.55 -3.52 -11.65
CA THR A 286 10.79 -2.72 -10.47
C THR A 286 9.69 -1.66 -10.43
N ALA A 287 9.52 -1.03 -9.26
CA ALA A 287 8.54 0.03 -9.14
C ALA A 287 8.92 1.21 -10.02
N LEU A 288 10.23 1.55 -10.13
CA LEU A 288 10.70 2.65 -11.00
C LEU A 288 10.34 2.41 -12.46
N ARG A 289 10.53 1.17 -12.94
CA ARG A 289 10.22 0.78 -14.32
C ARG A 289 8.73 0.92 -14.57
N ILE A 290 7.88 0.46 -13.63
CA ILE A 290 6.43 0.60 -13.75
C ILE A 290 6.06 2.08 -13.80
N LYS A 291 6.69 2.89 -12.93
CA LYS A 291 6.45 4.33 -12.92
C LYS A 291 6.78 4.92 -14.29
N LYS A 292 7.93 4.53 -14.86
CA LYS A 292 8.34 5.04 -16.18
C LYS A 292 7.35 4.66 -17.29
N THR A 293 6.87 3.41 -17.29
CA THR A 293 5.91 2.90 -18.27
C THR A 293 4.58 3.65 -18.19
N LEU A 294 4.05 3.82 -16.96
CA LEU A 294 2.77 4.51 -16.78
C LEU A 294 2.86 6.02 -17.00
N SER A 295 4.02 6.65 -16.69
CA SER A 295 4.29 8.06 -16.96
C SER A 295 4.21 8.30 -18.46
N GLN A 296 4.77 7.36 -19.27
CA GLN A 296 4.75 7.44 -20.73
C GLN A 296 3.31 7.33 -21.24
N LEU A 297 2.52 6.39 -20.66
CA LEU A 297 1.11 6.19 -21.00
C LEU A 297 0.27 7.42 -20.65
N SER A 298 0.51 8.04 -19.47
CA SER A 298 -0.19 9.25 -18.99
C SER A 298 0.04 10.43 -19.97
N GLN A 299 1.29 10.55 -20.45
CA GLN A 299 1.69 11.59 -21.40
C GLN A 299 0.93 11.40 -22.72
N GLN A 300 0.91 10.16 -23.23
CA GLN A 300 0.22 9.80 -24.47
C GLN A 300 -1.29 10.07 -24.42
N GLU A 301 -1.90 9.92 -23.21
CA GLU A 301 -3.34 10.11 -22.96
C GLU A 301 -3.73 11.58 -22.69
N GLY A 302 -2.78 12.41 -22.29
CA GLY A 302 -3.02 13.83 -22.04
C GLY A 302 -3.68 14.14 -20.71
N ILE A 303 -3.36 13.34 -19.67
CA ILE A 303 -3.90 13.52 -18.34
C ILE A 303 -3.29 14.79 -17.69
#